data_5E35
#
_entry.id   5E35
#
_cell.length_a   130.268
_cell.length_b   130.268
_cell.length_c   133.590
_cell.angle_alpha   90.00
_cell.angle_beta   90.00
_cell.angle_gamma   120.00
#
_symmetry.space_group_name_H-M   'P 6'
#
loop_
_entity.id
_entity.type
_entity.pdbx_description
1 polymer Hemagglutinin
2 polymer Hemagglutinin
3 branched 'N-acetyl-alpha-neuraminic acid-(2-6)-beta-D-galactopyranose-(1-4)-2-acetamido-2-deoxy-beta-D-glucopyranose'
4 non-polymer 2-acetamido-2-deoxy-beta-D-glucopyranose
5 water water
#
loop_
_entity_poly.entity_id
_entity_poly.type
_entity_poly.pdbx_seq_one_letter_code
_entity_poly.pdbx_strand_id
1 'polypeptide(L)'
;ADPGDQICVGYHANNSTEQVDTIMEKNITVTHAQDILEKTHNGKLCNLNGVKPLILKDCSVAGWLLGNPMCDEFLNVSEW
SYIVEKASPANGLCYPGDFNDYEELKHLLSRINHFEKIKIIPKSYWSNHETSGVSSACSYLENPSFFRNVVWLTKKDNTY
PPIKVNYTNANQKDLLVLWGIHHPNNEAEQKMIYQNLNTYVSVGTSTLNQRLVPKIATRSKVKGLSGRMDFFWTILKPND
TINFDSNGNFIAPEYAYKIVKKGDSAIMKSELEYGNCNTKCQTPIGAINSSMPFHNIHPLTIGECPKYVKSNRLVLATGL
RNAPQIEGRRRKR
;
A
2 'polypeptide(L)'
;GLFGAIAGFIEGGWQGMVDGWYGYHHSNEQGSGYAADKESTQKAIDGITNKINSIIDKMNTQFEAVGREFNNLERRIENL
NKKMEDGFLDVWTYNAELLVLMENERTLDFHDSNVKNLYEKVRLQLRDNAKELGNGCFEFYHKCDNECMESVKNGTYDYP
QYSEEARLNREEISGRLVPR
;
B
#
# COMPACT_ATOMS: atom_id res chain seq x y z
N ASP A 2 10.39 -0.98 67.96
CA ASP A 2 11.69 -0.86 67.30
C ASP A 2 11.64 -1.21 65.80
N PRO A 3 12.43 -0.50 64.98
CA PRO A 3 12.54 -0.79 63.53
C PRO A 3 12.96 -2.23 63.25
N GLY A 4 12.18 -2.91 62.43
CA GLY A 4 12.51 -4.27 62.02
C GLY A 4 12.83 -4.36 60.54
N ASP A 5 13.18 -5.57 60.11
CA ASP A 5 13.39 -5.84 58.69
C ASP A 5 12.13 -5.58 57.85
N GLN A 6 12.32 -5.28 56.57
CA GLN A 6 11.22 -4.91 55.67
C GLN A 6 11.31 -5.54 54.29
N ILE A 7 10.15 -5.75 53.66
CA ILE A 7 10.10 -5.99 52.22
C ILE A 7 9.01 -5.11 51.64
N CYS A 8 9.20 -4.66 50.41
CA CYS A 8 8.20 -3.83 49.74
C CYS A 8 7.76 -4.46 48.44
N VAL A 9 6.62 -4.02 47.93
CA VAL A 9 6.20 -4.37 46.57
C VAL A 9 6.07 -3.10 45.75
N GLY A 10 6.71 -3.08 44.59
CA GLY A 10 6.72 -1.87 43.79
C GLY A 10 7.05 -2.16 42.34
N TYR A 11 7.16 -1.10 41.57
CA TYR A 11 7.21 -1.23 40.12
C TYR A 11 8.17 -0.23 39.45
N HIS A 12 8.34 -0.40 38.14
CA HIS A 12 9.36 0.32 37.37
C HIS A 12 9.04 1.79 37.06
N ALA A 13 10.08 2.62 37.08
CA ALA A 13 9.99 3.99 36.56
C ALA A 13 11.21 4.23 35.67
N ASN A 14 11.23 5.38 34.99
CA ASN A 14 12.40 5.81 34.20
C ASN A 14 12.25 7.26 33.74
N ASN A 15 13.19 7.72 32.92
CA ASN A 15 13.10 9.05 32.35
C ASN A 15 12.52 8.93 30.94
N SER A 16 11.23 8.61 30.89
CA SER A 16 10.53 8.28 29.65
C SER A 16 9.42 9.29 29.38
N THR A 17 9.59 10.05 28.30
CA THR A 17 8.68 11.12 27.92
C THR A 17 7.52 10.55 27.08
N GLU A 18 7.75 9.35 26.57
CA GLU A 18 6.83 8.63 25.69
C GLU A 18 5.41 8.51 26.27
N GLN A 19 4.41 8.93 25.49
CA GLN A 19 3.02 8.81 25.92
C GLN A 19 2.22 7.84 25.04
N VAL A 20 1.08 7.40 25.55
CA VAL A 20 0.11 6.66 24.76
C VAL A 20 -1.29 7.10 25.16
N ASP A 21 -2.31 6.56 24.48
CA ASP A 21 -3.69 7.03 24.62
C ASP A 21 -4.63 5.88 25.01
N THR A 22 -5.77 6.27 25.58
CA THR A 22 -6.75 5.34 26.12
C THR A 22 -8.10 5.96 25.76
N ILE A 23 -9.18 5.18 25.81
CA ILE A 23 -10.50 5.71 25.48
C ILE A 23 -10.86 6.78 26.50
N MET A 24 -10.44 6.54 27.73
CA MET A 24 -10.87 7.28 28.91
C MET A 24 -9.85 8.34 29.31
N GLU A 25 -8.63 8.25 28.78
CA GLU A 25 -7.54 9.09 29.24
C GLU A 25 -6.46 9.29 28.18
N LYS A 26 -6.14 10.55 27.86
CA LYS A 26 -5.12 10.85 26.85
C LYS A 26 -3.80 11.35 27.41
N ASN A 27 -2.74 11.21 26.60
CA ASN A 27 -1.39 11.66 26.95
C ASN A 27 -0.88 11.07 28.28
N ILE A 28 -0.99 9.75 28.39
CA ILE A 28 -0.55 9.02 29.55
C ILE A 28 0.94 8.74 29.44
N THR A 29 1.74 9.42 30.27
CA THR A 29 3.19 9.20 30.29
C THR A 29 3.48 7.75 30.69
N VAL A 30 4.36 7.09 29.96
CA VAL A 30 4.52 5.64 30.08
C VAL A 30 6.02 5.30 30.01
N THR A 31 6.41 4.10 30.43
CA THR A 31 7.84 3.81 30.50
C THR A 31 8.29 3.30 29.15
N HIS A 32 7.42 2.51 28.55
CA HIS A 32 7.72 1.91 27.25
C HIS A 32 6.49 1.93 26.33
N ALA A 33 6.71 2.34 25.09
CA ALA A 33 5.67 2.40 24.09
C ALA A 33 6.20 1.84 22.78
N GLN A 34 5.31 1.27 21.98
CA GLN A 34 5.70 0.83 20.65
C GLN A 34 4.85 1.53 19.60
N ASP A 35 5.49 2.32 18.72
CA ASP A 35 4.82 2.98 17.59
C ASP A 35 4.71 1.97 16.45
N ILE A 36 3.52 1.87 15.87
CA ILE A 36 3.24 0.84 14.87
C ILE A 36 2.81 1.46 13.53
N LEU A 37 3.09 2.76 13.38
CA LEU A 37 2.70 3.49 12.18
C LEU A 37 3.93 4.09 11.51
N GLU A 38 4.08 3.80 10.23
CA GLU A 38 5.18 4.31 9.42
C GLU A 38 4.77 5.61 8.74
N LYS A 39 5.48 6.69 9.02
CA LYS A 39 5.06 8.02 8.58
C LYS A 39 6.03 8.74 7.63
N THR A 40 6.96 7.99 7.02
CA THR A 40 7.99 8.55 6.13
C THR A 40 8.29 7.67 4.91
N HIS A 41 8.43 8.31 3.74
CA HIS A 41 8.71 7.63 2.47
C HIS A 41 9.88 8.33 1.80
N ASN A 42 10.62 7.61 0.96
CA ASN A 42 11.78 8.24 0.30
C ASN A 42 11.43 9.28 -0.76
N GLY A 43 10.14 9.46 -1.03
CA GLY A 43 9.68 10.51 -1.92
C GLY A 43 10.04 10.31 -3.38
N LYS A 44 10.31 9.06 -3.72
CA LYS A 44 10.91 8.69 -4.99
C LYS A 44 10.18 7.51 -5.64
N LEU A 45 10.26 7.44 -6.97
CA LEU A 45 9.67 6.34 -7.72
C LEU A 45 10.79 5.35 -8.03
N CYS A 46 10.73 4.18 -7.41
CA CYS A 46 11.86 3.27 -7.47
C CYS A 46 11.55 2.03 -8.29
N ASN A 47 12.59 1.26 -8.59
CA ASN A 47 12.41 -0.10 -9.09
C ASN A 47 11.53 -0.87 -8.13
N LEU A 48 10.91 -1.93 -8.61
CA LEU A 48 10.15 -2.81 -7.75
C LEU A 48 10.81 -4.16 -7.81
N ASN A 49 11.55 -4.50 -6.75
CA ASN A 49 12.40 -5.68 -6.74
C ASN A 49 13.44 -5.56 -7.84
N GLY A 50 13.69 -6.63 -8.59
CA GLY A 50 14.65 -6.49 -9.67
C GLY A 50 14.21 -5.45 -10.72
N VAL A 51 12.91 -5.43 -11.00
CA VAL A 51 12.36 -4.84 -12.20
C VAL A 51 12.11 -3.34 -12.15
N LYS A 52 12.20 -2.70 -13.31
CA LYS A 52 12.16 -1.25 -13.42
C LYS A 52 10.81 -0.81 -13.98
N PRO A 53 10.33 0.36 -13.51
CA PRO A 53 8.99 0.80 -13.92
C PRO A 53 9.00 1.46 -15.28
N LEU A 54 7.83 1.52 -15.92
CA LEU A 54 7.65 2.32 -17.12
C LEU A 54 7.16 3.71 -16.72
N ILE A 55 8.06 4.70 -16.70
CA ILE A 55 7.65 6.09 -16.54
C ILE A 55 7.33 6.68 -17.92
N LEU A 56 6.05 6.88 -18.21
CA LEU A 56 5.60 7.39 -19.50
C LEU A 56 5.91 8.89 -19.66
N LYS A 57 6.31 9.52 -18.56
CA LYS A 57 6.66 10.94 -18.59
C LYS A 57 5.49 11.82 -19.06
N ASP A 58 5.59 12.27 -20.31
CA ASP A 58 4.64 13.25 -20.84
C ASP A 58 3.70 12.67 -21.90
N CYS A 59 3.79 11.35 -22.06
CA CYS A 59 2.91 10.59 -22.93
C CYS A 59 1.79 9.94 -22.10
N SER A 60 0.79 9.41 -22.79
CA SER A 60 -0.26 8.64 -22.13
C SER A 60 -0.25 7.26 -22.74
N VAL A 61 -0.92 6.32 -22.11
CA VAL A 61 -0.93 4.95 -22.60
C VAL A 61 -1.33 4.88 -24.09
N ALA A 62 -2.25 5.75 -24.49
CA ALA A 62 -2.69 5.87 -25.89
C ALA A 62 -1.51 6.26 -26.78
N GLY A 63 -0.92 7.42 -26.46
CA GLY A 63 0.25 7.92 -27.17
C GLY A 63 1.33 6.87 -27.32
N TRP A 64 1.72 6.24 -26.22
CA TRP A 64 2.76 5.21 -26.27
C TRP A 64 2.36 4.10 -27.25
N LEU A 65 1.19 3.51 -27.03
CA LEU A 65 0.76 2.34 -27.79
C LEU A 65 0.64 2.58 -29.28
N LEU A 66 -0.03 3.68 -29.65
CA LEU A 66 -0.19 4.04 -31.05
C LEU A 66 1.09 4.63 -31.67
N GLY A 67 1.86 5.34 -30.87
CA GLY A 67 3.10 5.93 -31.33
C GLY A 67 2.99 7.39 -31.68
N ASN A 68 2.43 8.20 -30.78
CA ASN A 68 2.44 9.64 -30.98
C ASN A 68 3.90 9.99 -31.18
N PRO A 69 4.20 10.79 -32.21
CA PRO A 69 5.60 11.05 -32.57
C PRO A 69 6.40 11.64 -31.40
N MET A 70 5.74 12.41 -30.54
CA MET A 70 6.35 12.94 -29.33
C MET A 70 6.58 11.88 -28.25
N CYS A 71 6.48 10.60 -28.60
CA CYS A 71 6.60 9.52 -27.62
C CYS A 71 7.50 8.40 -28.11
N ASP A 72 8.48 8.75 -28.95
CA ASP A 72 9.32 7.75 -29.61
C ASP A 72 10.18 6.95 -28.63
N GLU A 73 10.50 7.59 -27.50
CA GLU A 73 11.25 6.94 -26.44
C GLU A 73 10.72 5.53 -26.17
N PHE A 74 9.39 5.42 -26.18
CA PHE A 74 8.71 4.19 -25.77
C PHE A 74 8.47 3.20 -26.89
N LEU A 75 9.14 3.40 -28.02
CA LEU A 75 8.88 2.57 -29.19
C LEU A 75 9.22 1.10 -28.99
N ASN A 76 10.17 0.82 -28.11
CA ASN A 76 10.54 -0.59 -27.92
C ASN A 76 10.71 -1.05 -26.48
N VAL A 77 9.81 -0.60 -25.60
CA VAL A 77 9.79 -1.12 -24.24
C VAL A 77 9.33 -2.57 -24.27
N SER A 78 9.82 -3.36 -23.33
CA SER A 78 9.50 -4.79 -23.31
C SER A 78 9.02 -5.25 -21.93
N GLU A 79 9.79 -4.97 -20.89
CA GLU A 79 9.45 -5.49 -19.57
C GLU A 79 9.49 -4.43 -18.46
N TRP A 80 8.40 -4.32 -17.73
CA TRP A 80 8.34 -3.36 -16.65
C TRP A 80 7.80 -4.00 -15.36
N SER A 81 7.75 -3.21 -14.30
CA SER A 81 7.20 -3.69 -13.04
C SER A 81 5.82 -3.06 -12.82
N TYR A 82 5.73 -1.76 -13.01
CA TYR A 82 4.47 -1.03 -12.97
C TYR A 82 4.57 0.22 -13.87
N ILE A 83 3.43 0.84 -14.20
CA ILE A 83 3.45 2.00 -15.08
C ILE A 83 3.14 3.28 -14.32
N VAL A 84 3.99 4.28 -14.47
CA VAL A 84 3.68 5.61 -13.96
C VAL A 84 3.21 6.45 -15.14
N GLU A 85 2.02 7.03 -15.01
CA GLU A 85 1.51 7.94 -16.01
C GLU A 85 1.14 9.20 -15.28
N LYS A 86 1.46 10.34 -15.86
CA LYS A 86 1.19 11.62 -15.23
C LYS A 86 -0.33 11.80 -15.15
N ALA A 87 -0.80 12.73 -14.30
CA ALA A 87 -2.23 13.02 -14.21
C ALA A 87 -2.80 13.39 -15.57
N SER A 88 -2.37 14.54 -16.11
CA SER A 88 -2.81 15.00 -17.43
C SER A 88 -1.66 15.02 -18.43
N PRO A 89 -1.32 13.86 -19.01
CA PRO A 89 -0.19 13.85 -19.96
C PRO A 89 -0.59 14.65 -21.20
N ALA A 90 0.38 15.26 -21.88
CA ALA A 90 0.06 16.20 -22.96
C ALA A 90 0.00 15.52 -24.33
N ASN A 91 0.73 14.43 -24.48
CA ASN A 91 0.83 13.72 -25.74
C ASN A 91 0.08 12.40 -25.73
N GLY A 92 -1.22 12.48 -26.03
CA GLY A 92 -2.02 11.27 -26.19
C GLY A 92 -2.26 11.04 -27.66
N LEU A 93 -3.44 11.42 -28.13
CA LEU A 93 -3.81 11.29 -29.53
C LEU A 93 -3.53 12.63 -30.20
N CYS A 94 -2.44 12.68 -30.98
CA CYS A 94 -2.06 13.93 -31.63
C CYS A 94 -3.13 14.36 -32.61
N TYR A 95 -3.53 13.44 -33.49
CA TYR A 95 -4.73 13.64 -34.30
C TYR A 95 -5.97 13.46 -33.43
N PRO A 96 -6.71 14.56 -33.24
CA PRO A 96 -7.88 14.63 -32.37
C PRO A 96 -8.84 13.49 -32.64
N GLY A 97 -9.42 12.94 -31.58
CA GLY A 97 -10.32 11.81 -31.73
C GLY A 97 -10.50 11.07 -30.42
N ASP A 98 -11.14 9.91 -30.50
CA ASP A 98 -11.48 9.16 -29.30
C ASP A 98 -10.83 7.78 -29.34
N PHE A 99 -10.50 7.24 -28.17
CA PHE A 99 -9.98 5.89 -28.06
C PHE A 99 -11.05 4.97 -27.43
N ASN A 100 -11.54 4.01 -28.21
CA ASN A 100 -12.66 3.17 -27.79
C ASN A 100 -12.27 2.20 -26.69
N ASP A 101 -13.10 2.14 -25.65
CA ASP A 101 -12.81 1.30 -24.49
C ASP A 101 -11.39 1.52 -24.03
N TYR A 102 -11.02 2.77 -23.82
CA TYR A 102 -9.67 3.14 -23.39
C TYR A 102 -9.40 2.58 -22.00
N GLU A 103 -10.22 2.99 -21.05
CA GLU A 103 -10.08 2.54 -19.69
C GLU A 103 -10.01 1.02 -19.56
N GLU A 104 -10.85 0.29 -20.29
CA GLU A 104 -10.82 -1.17 -20.19
C GLU A 104 -9.49 -1.69 -20.72
N LEU A 105 -8.81 -0.91 -21.55
CA LEU A 105 -7.49 -1.30 -22.03
C LEU A 105 -6.40 -1.01 -20.98
N LYS A 106 -6.43 0.18 -20.39
CA LYS A 106 -5.47 0.51 -19.36
C LYS A 106 -5.61 -0.49 -18.22
N HIS A 107 -6.84 -0.92 -17.96
CA HIS A 107 -7.08 -1.90 -16.90
C HIS A 107 -6.49 -3.23 -17.30
N LEU A 108 -6.43 -3.48 -18.59
CA LEU A 108 -5.92 -4.75 -19.07
C LEU A 108 -4.40 -4.69 -18.99
N LEU A 109 -3.86 -3.49 -19.16
CA LEU A 109 -2.42 -3.28 -19.13
C LEU A 109 -1.92 -3.44 -17.71
N SER A 110 -2.78 -3.13 -16.75
CA SER A 110 -2.42 -3.29 -15.34
C SER A 110 -2.33 -4.76 -14.93
N ARG A 111 -2.54 -5.67 -15.88
CA ARG A 111 -2.36 -7.10 -15.65
C ARG A 111 -1.26 -7.67 -16.54
N ILE A 112 -0.53 -6.77 -17.22
CA ILE A 112 0.53 -7.15 -18.13
C ILE A 112 1.78 -6.43 -17.67
N ASN A 113 2.93 -7.09 -17.77
CA ASN A 113 4.21 -6.42 -17.46
C ASN A 113 5.30 -6.68 -18.51
N HIS A 114 4.92 -7.42 -19.56
CA HIS A 114 5.86 -7.74 -20.64
C HIS A 114 5.23 -7.75 -22.05
N PHE A 115 5.63 -6.76 -22.86
CA PHE A 115 5.21 -6.65 -24.27
C PHE A 115 6.32 -7.06 -25.21
N GLU A 116 5.94 -7.57 -26.38
CA GLU A 116 6.89 -7.71 -27.47
C GLU A 116 6.25 -7.21 -28.76
N LYS A 117 6.55 -5.96 -29.13
CA LYS A 117 6.07 -5.39 -30.38
C LYS A 117 6.53 -6.24 -31.56
N ILE A 118 5.61 -6.64 -32.41
CA ILE A 118 5.96 -7.39 -33.62
C ILE A 118 5.36 -6.75 -34.86
N LYS A 119 5.69 -7.26 -36.04
CA LYS A 119 5.24 -6.64 -37.29
C LYS A 119 4.31 -7.58 -38.01
N ILE A 120 3.04 -7.19 -38.16
CA ILE A 120 2.04 -8.06 -38.77
C ILE A 120 1.70 -7.66 -40.21
N ILE A 121 1.67 -6.35 -40.48
CA ILE A 121 1.43 -5.84 -41.83
C ILE A 121 2.45 -4.78 -42.21
N PRO A 122 3.52 -5.20 -42.90
CA PRO A 122 4.59 -4.28 -43.30
C PRO A 122 4.07 -3.30 -44.35
N LYS A 123 4.54 -2.05 -44.31
CA LYS A 123 4.14 -1.04 -45.30
C LYS A 123 4.29 -1.56 -46.74
N SER A 124 5.25 -2.45 -46.94
CA SER A 124 5.51 -3.06 -48.25
C SER A 124 4.25 -3.72 -48.83
N TYR A 125 3.38 -4.22 -47.96
CA TYR A 125 2.14 -4.87 -48.40
C TYR A 125 1.26 -3.92 -49.21
N TRP A 126 1.34 -2.63 -48.89
CA TRP A 126 0.44 -1.66 -49.50
C TRP A 126 0.88 -1.24 -50.92
N SER A 127 0.97 -2.24 -51.79
CA SER A 127 1.56 -2.09 -53.12
C SER A 127 0.66 -1.33 -54.09
N ASN A 128 -0.56 -1.03 -53.65
CA ASN A 128 -1.54 -0.30 -54.44
C ASN A 128 -2.17 0.90 -53.71
N HIS A 129 -1.67 1.22 -52.51
CA HIS A 129 -2.11 2.40 -51.77
C HIS A 129 -0.91 3.21 -51.28
N GLU A 130 -1.11 4.51 -51.10
CA GLU A 130 -0.09 5.35 -50.48
C GLU A 130 -0.17 5.17 -48.96
N THR A 131 0.98 5.13 -48.30
CA THR A 131 1.03 4.94 -46.86
C THR A 131 1.71 6.12 -46.23
N SER A 132 1.52 7.30 -46.80
CA SER A 132 2.22 8.47 -46.32
C SER A 132 1.26 9.54 -45.86
N GLY A 133 0.04 9.14 -45.51
CA GLY A 133 -0.90 10.08 -44.93
C GLY A 133 -0.28 10.59 -43.64
N VAL A 134 -0.47 11.88 -43.40
CA VAL A 134 0.34 12.58 -42.44
C VAL A 134 -0.42 13.85 -42.02
N SER A 135 -0.21 14.36 -40.81
CA SER A 135 -0.89 15.60 -40.44
C SER A 135 -0.05 16.54 -39.58
N SER A 136 -0.42 17.82 -39.61
CA SER A 136 0.27 18.84 -38.86
C SER A 136 0.02 18.71 -37.34
N ALA A 137 -1.01 17.96 -36.97
CA ALA A 137 -1.33 17.76 -35.56
C ALA A 137 -0.46 16.65 -35.01
N CYS A 138 -0.23 15.66 -35.85
CA CYS A 138 0.70 14.60 -35.52
C CYS A 138 2.09 14.94 -36.06
N SER A 139 2.50 16.19 -35.85
CA SER A 139 3.74 16.69 -36.44
C SER A 139 4.92 16.54 -35.51
N TYR A 140 6.05 16.13 -36.09
CA TYR A 140 7.27 15.94 -35.32
C TYR A 140 8.08 17.23 -35.39
N LEU A 141 9.27 17.14 -35.98
CA LEU A 141 10.16 18.29 -36.03
C LEU A 141 9.61 19.28 -37.04
N GLU A 142 8.74 20.17 -36.58
CA GLU A 142 8.10 21.19 -37.44
C GLU A 142 7.28 20.59 -38.60
N ASN A 143 7.84 19.59 -39.28
CA ASN A 143 7.21 18.88 -40.41
C ASN A 143 6.12 17.89 -40.01
N PRO A 144 4.98 17.89 -40.72
CA PRO A 144 3.85 17.03 -40.33
C PRO A 144 4.22 15.54 -40.42
N SER A 145 3.84 14.78 -39.40
CA SER A 145 4.10 13.34 -39.40
C SER A 145 2.84 12.55 -39.05
N PHE A 146 3.02 11.36 -38.47
CA PHE A 146 1.91 10.50 -38.07
C PHE A 146 2.34 9.49 -37.01
N PHE A 147 1.35 8.92 -36.32
CA PHE A 147 1.53 7.79 -35.41
C PHE A 147 2.49 6.74 -35.98
N ARG A 148 3.49 6.32 -35.19
CA ARG A 148 4.52 5.42 -35.70
C ARG A 148 4.03 3.99 -35.98
N ASN A 149 2.95 3.57 -35.32
CA ASN A 149 2.53 2.17 -35.39
C ASN A 149 1.34 1.90 -36.30
N VAL A 150 0.66 2.96 -36.71
CA VAL A 150 -0.47 2.84 -37.62
C VAL A 150 -0.27 3.68 -38.90
N VAL A 151 -0.82 3.18 -40.01
CA VAL A 151 -0.51 3.81 -41.30
C VAL A 151 -1.72 4.48 -41.95
N TRP A 152 -1.60 5.76 -42.26
CA TRP A 152 -2.70 6.45 -42.93
C TRP A 152 -2.75 6.08 -44.41
N LEU A 153 -3.37 4.95 -44.73
CA LEU A 153 -3.59 4.54 -46.10
C LEU A 153 -4.45 5.59 -46.83
N THR A 154 -3.97 6.05 -47.99
CA THR A 154 -4.68 6.98 -48.88
C THR A 154 -4.59 6.50 -50.34
N LYS A 155 -5.28 7.21 -51.24
CA LYS A 155 -5.35 6.79 -52.65
C LYS A 155 -4.04 6.84 -53.42
N LYS A 156 -3.79 5.79 -54.21
CA LYS A 156 -2.61 5.72 -55.07
C LYS A 156 -2.99 6.00 -56.52
N ASP A 157 -2.17 6.82 -57.18
CA ASP A 157 -2.51 7.37 -58.50
C ASP A 157 -3.89 8.01 -58.32
N ASN A 158 -4.95 7.39 -58.82
CA ASN A 158 -6.24 7.94 -58.44
C ASN A 158 -7.33 6.94 -58.05
N THR A 159 -6.89 5.78 -57.59
CA THR A 159 -7.82 4.80 -57.03
C THR A 159 -7.49 4.27 -55.60
N TYR A 160 -8.54 3.85 -54.91
CA TYR A 160 -8.42 3.18 -53.62
C TYR A 160 -9.12 1.82 -53.80
N PRO A 161 -8.38 0.82 -54.29
CA PRO A 161 -8.99 -0.49 -54.49
C PRO A 161 -9.35 -1.12 -53.16
N PRO A 162 -10.43 -1.92 -53.13
CA PRO A 162 -10.86 -2.58 -51.88
C PRO A 162 -9.72 -3.35 -51.22
N ILE A 163 -9.58 -3.17 -49.90
CA ILE A 163 -8.55 -3.82 -49.07
C ILE A 163 -9.13 -5.08 -48.43
N LYS A 164 -8.37 -6.17 -48.41
CA LYS A 164 -8.83 -7.41 -47.83
C LYS A 164 -7.63 -8.20 -47.37
N VAL A 165 -7.20 -7.93 -46.13
CA VAL A 165 -5.95 -8.43 -45.59
C VAL A 165 -6.17 -9.12 -44.25
N ASN A 166 -5.41 -10.19 -44.00
CA ASN A 166 -5.56 -10.91 -42.76
C ASN A 166 -4.22 -11.15 -42.06
N TYR A 167 -4.25 -11.37 -40.74
CA TYR A 167 -3.06 -11.81 -40.02
C TYR A 167 -3.40 -12.94 -39.06
N THR A 168 -2.58 -13.98 -39.11
CA THR A 168 -2.83 -15.16 -38.32
C THR A 168 -1.90 -15.20 -37.11
N ASN A 169 -2.49 -15.38 -35.92
CA ASN A 169 -1.70 -15.43 -34.70
C ASN A 169 -1.11 -16.82 -34.44
N ALA A 170 0.03 -17.09 -35.07
CA ALA A 170 0.66 -18.40 -35.00
C ALA A 170 1.48 -18.55 -33.73
N ASN A 171 1.75 -17.43 -33.07
CA ASN A 171 2.47 -17.43 -31.79
C ASN A 171 1.60 -18.03 -30.69
N GLN A 172 2.20 -18.31 -29.54
CA GLN A 172 1.43 -18.95 -28.49
C GLN A 172 1.16 -17.98 -27.35
N LYS A 173 1.18 -16.70 -27.70
CA LYS A 173 0.79 -15.65 -26.76
C LYS A 173 -0.39 -14.86 -27.34
N ASP A 174 -1.10 -14.13 -26.48
CA ASP A 174 -2.18 -13.28 -26.92
C ASP A 174 -1.56 -12.08 -27.62
N LEU A 175 -2.35 -11.43 -28.46
CA LEU A 175 -1.87 -10.33 -29.29
C LEU A 175 -2.81 -9.13 -29.17
N LEU A 176 -2.25 -7.96 -28.85
CA LEU A 176 -3.04 -6.72 -28.83
C LEU A 176 -2.91 -5.98 -30.16
N VAL A 177 -4.01 -5.85 -30.90
CA VAL A 177 -4.01 -5.13 -32.19
C VAL A 177 -4.83 -3.84 -32.12
N LEU A 178 -4.35 -2.80 -32.80
CA LEU A 178 -5.06 -1.52 -32.81
C LEU A 178 -5.26 -1.00 -34.25
N TRP A 179 -6.48 -0.60 -34.57
CA TRP A 179 -6.75 0.06 -35.85
C TRP A 179 -7.47 1.36 -35.57
N GLY A 180 -8.02 1.98 -36.61
CA GLY A 180 -8.67 3.28 -36.45
C GLY A 180 -9.49 3.62 -37.67
N ILE A 181 -10.07 4.83 -37.70
CA ILE A 181 -10.83 5.25 -38.86
C ILE A 181 -10.84 6.77 -38.91
N HIS A 182 -10.76 7.35 -40.12
CA HIS A 182 -10.75 8.81 -40.23
C HIS A 182 -12.11 9.39 -40.60
N HIS A 183 -12.55 10.37 -39.81
CA HIS A 183 -13.78 11.11 -40.08
C HIS A 183 -13.42 12.42 -40.79
N PRO A 184 -13.67 12.49 -42.10
CA PRO A 184 -13.40 13.65 -42.96
C PRO A 184 -14.42 14.73 -42.70
N ASN A 185 -14.19 15.94 -43.20
CA ASN A 185 -15.07 17.06 -42.90
C ASN A 185 -16.23 17.26 -43.89
N ASN A 186 -16.03 16.73 -45.09
CA ASN A 186 -16.95 16.94 -46.19
C ASN A 186 -16.66 15.93 -47.30
N GLU A 187 -17.56 15.84 -48.27
CA GLU A 187 -17.40 14.82 -49.32
C GLU A 187 -16.24 15.15 -50.26
N ALA A 188 -15.91 16.43 -50.34
CA ALA A 188 -14.81 16.90 -51.18
C ALA A 188 -13.51 16.41 -50.58
N GLU A 189 -13.33 16.68 -49.28
CA GLU A 189 -12.14 16.28 -48.57
C GLU A 189 -12.00 14.75 -48.56
N GLN A 190 -13.11 14.05 -48.42
CA GLN A 190 -13.10 12.60 -48.53
C GLN A 190 -12.46 12.13 -49.86
N LYS A 191 -13.02 12.54 -51.00
CA LYS A 191 -12.53 11.98 -52.27
C LYS A 191 -11.13 12.47 -52.64
N MET A 192 -10.77 13.68 -52.19
CA MET A 192 -9.40 14.16 -52.31
C MET A 192 -8.40 13.18 -51.66
N ILE A 193 -8.83 12.51 -50.58
CA ILE A 193 -7.96 11.56 -49.89
C ILE A 193 -8.18 10.10 -50.31
N TYR A 194 -9.43 9.70 -50.48
CA TYR A 194 -9.72 8.27 -50.59
C TYR A 194 -10.39 7.88 -51.91
N GLN A 195 -10.72 8.89 -52.72
CA GLN A 195 -11.48 8.73 -53.96
C GLN A 195 -12.91 8.26 -53.68
N ASN A 196 -13.05 7.04 -53.18
CA ASN A 196 -14.36 6.46 -52.88
C ASN A 196 -15.18 7.28 -51.91
N LEU A 197 -16.51 7.14 -51.98
CA LEU A 197 -17.40 8.11 -51.36
C LEU A 197 -18.22 7.52 -50.23
N ASN A 198 -18.77 6.33 -50.44
CA ASN A 198 -19.48 5.69 -49.35
C ASN A 198 -18.73 4.50 -48.77
N THR A 199 -18.06 4.75 -47.65
CA THR A 199 -17.04 3.83 -47.17
C THR A 199 -17.34 3.10 -45.85
N TYR A 200 -16.53 2.08 -45.57
CA TYR A 200 -16.67 1.23 -44.40
C TYR A 200 -15.31 0.66 -44.01
N VAL A 201 -15.16 0.28 -42.74
CA VAL A 201 -14.03 -0.52 -42.27
C VAL A 201 -14.65 -1.67 -41.50
N SER A 202 -14.31 -2.90 -41.87
CA SER A 202 -14.85 -4.05 -41.14
C SER A 202 -13.73 -4.98 -40.67
N VAL A 203 -13.72 -5.27 -39.36
CA VAL A 203 -12.77 -6.17 -38.73
C VAL A 203 -13.46 -7.43 -38.20
N GLY A 204 -12.86 -8.59 -38.42
CA GLY A 204 -13.50 -9.83 -38.02
C GLY A 204 -12.51 -10.80 -37.41
N THR A 205 -12.91 -11.44 -36.30
CA THR A 205 -12.16 -12.56 -35.72
C THR A 205 -13.15 -13.69 -35.38
N SER A 206 -12.79 -14.52 -34.39
CA SER A 206 -13.71 -15.53 -33.86
C SER A 206 -14.78 -14.86 -33.05
N THR A 207 -14.39 -13.75 -32.42
CA THR A 207 -15.26 -13.10 -31.47
C THR A 207 -15.71 -11.76 -32.02
N LEU A 208 -14.77 -11.00 -32.56
CA LEU A 208 -15.07 -9.66 -33.05
C LEU A 208 -15.89 -9.73 -34.34
N ASN A 209 -16.77 -8.75 -34.52
CA ASN A 209 -17.59 -8.63 -35.74
C ASN A 209 -17.99 -7.19 -35.90
N GLN A 210 -17.02 -6.34 -36.25
CA GLN A 210 -17.21 -4.90 -36.18
C GLN A 210 -17.34 -4.27 -37.54
N ARG A 211 -18.33 -3.41 -37.71
CA ARG A 211 -18.42 -2.59 -38.92
C ARG A 211 -18.35 -1.11 -38.57
N LEU A 212 -17.42 -0.39 -39.19
CA LEU A 212 -17.26 1.02 -38.92
C LEU A 212 -17.61 1.85 -40.15
N VAL A 213 -18.18 3.03 -39.93
CA VAL A 213 -18.53 3.90 -41.03
C VAL A 213 -18.19 5.35 -40.66
N PRO A 214 -17.48 6.04 -41.56
CA PRO A 214 -17.08 7.43 -41.32
C PRO A 214 -18.28 8.31 -41.11
N LYS A 215 -18.10 9.35 -40.32
CA LYS A 215 -19.18 10.28 -40.03
C LYS A 215 -18.72 11.65 -40.49
N ILE A 216 -19.27 12.10 -41.59
CA ILE A 216 -19.01 13.46 -42.06
C ILE A 216 -19.93 14.35 -41.27
N ALA A 217 -19.34 15.36 -40.61
CA ALA A 217 -20.12 16.31 -39.83
C ALA A 217 -19.21 17.48 -39.50
N THR A 218 -19.81 18.63 -39.22
CA THR A 218 -19.00 19.81 -38.98
C THR A 218 -18.71 19.89 -37.49
N ARG A 219 -17.42 19.87 -37.14
CA ARG A 219 -17.01 19.92 -35.75
C ARG A 219 -16.12 21.12 -35.52
N SER A 220 -15.88 21.40 -34.25
CA SER A 220 -15.05 22.52 -33.86
C SER A 220 -13.61 22.16 -34.15
N LYS A 221 -12.76 23.18 -34.26
CA LYS A 221 -11.36 22.94 -34.56
C LYS A 221 -10.53 22.65 -33.31
N VAL A 222 -9.87 21.50 -33.33
CA VAL A 222 -8.93 21.13 -32.29
C VAL A 222 -7.57 20.98 -32.96
N LYS A 223 -6.57 21.67 -32.42
CA LYS A 223 -5.24 21.74 -33.05
C LYS A 223 -5.35 22.20 -34.52
N GLY A 224 -6.30 23.09 -34.78
CA GLY A 224 -6.53 23.59 -36.12
C GLY A 224 -7.40 22.71 -37.00
N LEU A 225 -7.67 21.48 -36.56
CA LEU A 225 -8.38 20.50 -37.38
C LEU A 225 -9.84 20.26 -36.99
N SER A 226 -10.67 19.90 -37.96
CA SER A 226 -12.05 19.52 -37.67
C SER A 226 -12.24 18.03 -37.94
N GLY A 227 -11.25 17.43 -38.60
CA GLY A 227 -11.23 16.00 -38.80
C GLY A 227 -11.06 15.29 -37.47
N ARG A 228 -11.27 13.98 -37.47
CA ARG A 228 -11.22 13.18 -36.26
C ARG A 228 -10.72 11.79 -36.61
N MET A 229 -9.99 11.15 -35.70
CA MET A 229 -9.63 9.74 -35.87
C MET A 229 -9.97 8.95 -34.60
N ASP A 230 -10.87 7.98 -34.74
CA ASP A 230 -11.30 7.17 -33.62
C ASP A 230 -10.57 5.83 -33.71
N PHE A 231 -10.01 5.35 -32.59
CA PHE A 231 -9.24 4.12 -32.62
C PHE A 231 -9.89 3.00 -31.83
N PHE A 232 -9.47 1.76 -32.10
CA PHE A 232 -10.13 0.59 -31.54
C PHE A 232 -9.10 -0.50 -31.25
N TRP A 233 -9.46 -1.48 -30.42
CA TRP A 233 -8.53 -2.56 -30.09
C TRP A 233 -9.21 -3.92 -29.88
N THR A 234 -8.43 -5.02 -29.94
CA THR A 234 -8.85 -6.31 -29.38
C THR A 234 -7.68 -7.20 -29.06
N ILE A 235 -8.02 -8.39 -28.59
CA ILE A 235 -7.03 -9.39 -28.26
C ILE A 235 -7.20 -10.52 -29.23
N LEU A 236 -6.16 -10.79 -30.01
CA LEU A 236 -6.19 -11.92 -30.93
C LEU A 236 -5.57 -13.13 -30.26
N LYS A 237 -6.41 -14.14 -29.99
CA LYS A 237 -5.97 -15.35 -29.31
C LYS A 237 -5.09 -16.18 -30.25
N PRO A 238 -4.24 -17.06 -29.70
CA PRO A 238 -3.39 -17.84 -30.59
C PRO A 238 -4.17 -18.67 -31.62
N ASN A 239 -3.58 -18.90 -32.79
CA ASN A 239 -4.19 -19.68 -33.86
C ASN A 239 -5.53 -19.09 -34.32
N ASP A 240 -5.72 -17.79 -34.08
CA ASP A 240 -6.89 -17.07 -34.59
C ASP A 240 -6.43 -15.99 -35.55
N THR A 241 -7.31 -15.65 -36.48
CA THR A 241 -7.01 -14.73 -37.57
C THR A 241 -7.82 -13.46 -37.46
N ILE A 242 -7.17 -12.30 -37.49
CA ILE A 242 -7.87 -11.04 -37.62
C ILE A 242 -8.00 -10.64 -39.11
N ASN A 243 -9.17 -10.13 -39.49
CA ASN A 243 -9.48 -9.83 -40.88
C ASN A 243 -9.97 -8.41 -41.09
N PHE A 244 -9.17 -7.58 -41.77
CA PHE A 244 -9.59 -6.23 -42.13
C PHE A 244 -10.08 -6.16 -43.60
N ASP A 245 -11.23 -5.52 -43.80
CA ASP A 245 -11.76 -5.21 -45.14
C ASP A 245 -12.04 -3.72 -45.12
N SER A 246 -11.64 -2.97 -46.14
CA SER A 246 -12.02 -1.55 -46.22
C SER A 246 -12.02 -1.02 -47.65
N ASN A 247 -12.77 0.06 -47.89
CA ASN A 247 -12.68 0.75 -49.16
C ASN A 247 -12.40 2.24 -48.98
N GLY A 248 -11.71 2.57 -47.89
CA GLY A 248 -11.41 3.95 -47.54
C GLY A 248 -11.55 4.26 -46.06
N ASN A 249 -10.75 5.23 -45.59
CA ASN A 249 -10.71 5.67 -44.18
C ASN A 249 -10.05 4.72 -43.15
N PHE A 250 -9.56 3.58 -43.61
CA PHE A 250 -8.83 2.63 -42.77
C PHE A 250 -7.52 3.21 -42.22
N ILE A 251 -7.29 3.08 -40.92
CA ILE A 251 -5.96 3.33 -40.35
C ILE A 251 -5.36 2.01 -39.90
N ALA A 252 -4.55 1.42 -40.78
CA ALA A 252 -4.11 0.04 -40.60
C ALA A 252 -3.02 -0.09 -39.55
N PRO A 253 -3.03 -1.21 -38.81
CA PRO A 253 -1.95 -1.54 -37.90
C PRO A 253 -0.76 -2.03 -38.67
N GLU A 254 0.44 -1.60 -38.30
CA GLU A 254 1.66 -2.22 -38.81
C GLU A 254 2.13 -3.19 -37.74
N TYR A 255 2.17 -2.69 -36.51
CA TYR A 255 2.66 -3.46 -35.38
C TYR A 255 1.55 -3.91 -34.43
N ALA A 256 1.77 -5.09 -33.85
CA ALA A 256 0.87 -5.65 -32.86
C ALA A 256 1.68 -6.10 -31.66
N TYR A 257 1.17 -5.85 -30.46
CA TYR A 257 1.92 -6.15 -29.24
C TYR A 257 1.62 -7.54 -28.70
N LYS A 258 2.68 -8.34 -28.59
CA LYS A 258 2.62 -9.68 -27.99
C LYS A 258 2.57 -9.61 -26.46
N ILE A 259 1.66 -10.37 -25.84
CA ILE A 259 1.52 -10.39 -24.38
C ILE A 259 2.30 -11.57 -23.82
N VAL A 260 3.58 -11.38 -23.56
CA VAL A 260 4.45 -12.49 -23.19
C VAL A 260 4.29 -12.90 -21.72
N LYS A 261 4.28 -11.91 -20.83
CA LYS A 261 4.07 -12.18 -19.40
C LYS A 261 2.97 -11.32 -18.79
N LYS A 262 1.96 -11.99 -18.23
CA LYS A 262 0.99 -11.31 -17.38
C LYS A 262 1.53 -11.29 -15.95
N GLY A 263 0.76 -10.72 -15.03
CA GLY A 263 1.24 -10.56 -13.67
C GLY A 263 0.64 -9.34 -13.00
N ASP A 264 0.60 -9.36 -11.67
CA ASP A 264 0.04 -8.24 -10.93
C ASP A 264 0.89 -7.00 -11.15
N SER A 265 0.26 -5.96 -11.69
CA SER A 265 0.91 -4.68 -11.87
C SER A 265 -0.12 -3.60 -11.61
N ALA A 266 0.18 -2.38 -12.08
CA ALA A 266 -0.69 -1.26 -11.84
C ALA A 266 -0.30 -0.10 -12.74
N ILE A 267 -1.19 0.88 -12.86
CA ILE A 267 -0.86 2.13 -13.50
C ILE A 267 -0.99 3.16 -12.43
N MET A 268 0.12 3.77 -12.02
CA MET A 268 0.10 4.78 -10.99
C MET A 268 0.00 6.15 -11.62
N LYS A 269 -0.56 7.08 -10.87
CA LYS A 269 -0.67 8.46 -11.32
C LYS A 269 0.27 9.29 -10.47
N SER A 270 1.38 9.72 -11.06
CA SER A 270 2.30 10.59 -10.34
C SER A 270 3.02 11.63 -11.20
N GLU A 271 3.15 12.84 -10.67
CA GLU A 271 3.97 13.87 -11.28
C GLU A 271 5.48 13.60 -11.17
N LEU A 272 5.87 12.67 -10.30
CA LEU A 272 7.30 12.43 -10.05
C LEU A 272 8.00 11.78 -11.24
N GLU A 273 9.32 11.88 -11.29
CA GLU A 273 10.12 11.22 -12.33
C GLU A 273 10.69 9.95 -11.76
N TYR A 274 11.55 9.27 -12.52
CA TYR A 274 12.35 8.16 -11.99
C TYR A 274 13.16 8.59 -10.77
N GLY A 275 13.57 7.63 -9.96
CA GLY A 275 14.34 7.92 -8.76
C GLY A 275 15.63 7.12 -8.62
N ASN A 276 15.80 6.12 -9.49
CA ASN A 276 16.99 5.27 -9.49
C ASN A 276 17.30 4.71 -8.10
N CYS A 277 16.41 3.82 -7.65
CA CYS A 277 16.47 3.22 -6.33
C CYS A 277 15.63 1.93 -6.33
N ASN A 278 15.75 1.13 -5.27
CA ASN A 278 14.99 -0.12 -5.20
C ASN A 278 14.06 -0.12 -3.99
N THR A 279 13.01 -0.95 -4.06
CA THR A 279 12.02 -1.06 -2.99
C THR A 279 11.18 -2.31 -3.17
N LYS A 280 10.40 -2.63 -2.14
CA LYS A 280 9.48 -3.77 -2.17
C LYS A 280 8.06 -3.22 -1.99
N CYS A 281 7.97 -1.92 -1.74
CA CYS A 281 6.68 -1.29 -1.51
C CYS A 281 6.74 0.13 -2.06
N GLN A 282 5.86 0.42 -3.02
CA GLN A 282 5.84 1.70 -3.72
C GLN A 282 4.47 2.40 -3.66
N THR A 283 4.46 3.67 -3.26
CA THR A 283 3.27 4.51 -3.40
C THR A 283 3.53 5.61 -4.46
N PRO A 284 2.44 6.18 -5.05
CA PRO A 284 2.49 7.25 -6.03
C PRO A 284 3.31 8.47 -5.62
N ILE A 285 3.59 8.61 -4.33
CA ILE A 285 4.37 9.76 -3.87
C ILE A 285 5.72 9.36 -3.26
N GLY A 286 6.09 8.08 -3.34
CA GLY A 286 7.34 7.62 -2.74
C GLY A 286 7.30 6.18 -2.26
N ALA A 287 8.48 5.57 -2.10
CA ALA A 287 8.58 4.16 -1.72
C ALA A 287 8.75 3.99 -0.21
N ILE A 288 8.62 2.74 0.23
CA ILE A 288 8.65 2.40 1.65
C ILE A 288 9.64 1.29 1.98
N ASN A 289 10.51 1.56 2.96
CA ASN A 289 11.38 0.55 3.58
C ASN A 289 10.97 0.52 5.04
N SER A 290 10.21 -0.50 5.44
CA SER A 290 9.56 -0.45 6.74
C SER A 290 9.13 -1.82 7.23
N SER A 291 9.28 -2.02 8.54
CA SER A 291 8.94 -3.28 9.18
C SER A 291 7.62 -3.13 9.91
N MET A 292 7.29 -1.86 10.19
CA MET A 292 5.99 -1.46 10.73
C MET A 292 4.83 -2.21 10.10
N PRO A 293 3.75 -2.40 10.86
CA PRO A 293 2.57 -3.12 10.37
C PRO A 293 1.55 -2.20 9.71
N PHE A 294 1.73 -0.89 9.85
CA PHE A 294 0.84 0.09 9.24
C PHE A 294 1.64 1.20 8.58
N HIS A 295 0.97 1.96 7.71
CA HIS A 295 1.55 3.20 7.20
C HIS A 295 0.42 4.18 6.90
N ASN A 296 0.75 5.44 6.64
CA ASN A 296 -0.30 6.41 6.33
C ASN A 296 -0.01 7.35 5.15
N ILE A 297 0.92 7.00 4.27
CA ILE A 297 1.33 7.97 3.27
C ILE A 297 0.41 8.09 2.06
N HIS A 298 0.06 6.96 1.45
CA HIS A 298 -0.83 6.94 0.31
C HIS A 298 -1.47 5.56 0.24
N PRO A 299 -2.79 5.50 0.01
CA PRO A 299 -3.55 4.25 -0.04
C PRO A 299 -3.23 3.39 -1.24
N LEU A 300 -2.77 4.01 -2.33
CA LEU A 300 -2.64 3.30 -3.60
C LEU A 300 -1.26 2.66 -3.76
N THR A 301 -0.95 1.65 -2.95
CA THR A 301 0.41 1.09 -2.96
C THR A 301 0.54 -0.10 -3.91
N ILE A 302 1.78 -0.44 -4.28
CA ILE A 302 2.04 -1.72 -4.95
C ILE A 302 3.24 -2.43 -4.33
N GLY A 303 3.12 -3.75 -4.15
CA GLY A 303 4.15 -4.56 -3.52
C GLY A 303 3.79 -4.95 -2.10
N GLU A 304 4.63 -5.78 -1.48
CA GLU A 304 4.41 -6.21 -0.10
C GLU A 304 4.60 -5.03 0.86
N CYS A 305 3.48 -4.50 1.34
CA CYS A 305 3.47 -3.27 2.09
C CYS A 305 2.74 -3.37 3.44
N PRO A 306 2.96 -2.39 4.32
CA PRO A 306 2.13 -2.32 5.52
C PRO A 306 0.73 -1.87 5.16
N LYS A 307 -0.21 -1.98 6.10
CA LYS A 307 -1.60 -1.67 5.81
C LYS A 307 -1.89 -0.18 5.93
N TYR A 308 -2.53 0.42 4.93
CA TYR A 308 -2.82 1.86 5.00
C TYR A 308 -3.97 2.21 5.95
N VAL A 309 -3.70 3.14 6.86
CA VAL A 309 -4.72 3.76 7.68
C VAL A 309 -4.53 5.28 7.59
N LYS A 310 -5.60 6.03 7.86
CA LYS A 310 -5.52 7.49 7.75
C LYS A 310 -5.05 8.17 9.06
N SER A 311 -4.55 7.38 9.99
CA SER A 311 -4.13 7.87 11.31
C SER A 311 -2.90 8.76 11.25
N ASN A 312 -2.86 9.75 12.16
CA ASN A 312 -1.66 10.56 12.32
C ASN A 312 -0.74 9.87 13.29
N ARG A 313 -1.36 9.09 14.19
CA ARG A 313 -0.63 8.44 15.26
C ARG A 313 -1.23 7.08 15.64
N LEU A 314 -0.41 6.04 15.56
CA LEU A 314 -0.73 4.77 16.19
C LEU A 314 0.42 4.27 17.06
N VAL A 315 0.30 4.48 18.37
CA VAL A 315 1.30 4.01 19.32
C VAL A 315 0.73 3.16 20.47
N LEU A 316 1.27 1.95 20.62
CA LEU A 316 0.85 1.00 21.64
C LEU A 316 1.62 1.15 22.97
N ALA A 317 0.91 1.01 24.09
CA ALA A 317 1.58 0.96 25.39
C ALA A 317 2.19 -0.43 25.58
N THR A 318 3.42 -0.45 26.10
CA THR A 318 4.06 -1.69 26.52
C THR A 318 4.43 -1.68 28.01
N GLY A 319 5.14 -0.65 28.45
CA GLY A 319 5.57 -0.53 29.83
C GLY A 319 4.45 -0.07 30.75
N LEU A 320 4.80 0.57 31.87
CA LEU A 320 3.78 0.95 32.86
C LEU A 320 3.67 2.45 32.92
N ARG A 321 2.60 2.96 33.55
CA ARG A 321 2.48 4.41 33.74
C ARG A 321 3.75 4.85 34.44
N ASN A 322 4.36 5.92 33.95
CA ASN A 322 5.65 6.36 34.48
C ASN A 322 5.51 7.54 35.44
N ALA A 323 5.51 7.23 36.74
CA ALA A 323 5.35 8.21 37.82
C ALA A 323 6.62 9.03 38.12
N PRO A 324 6.60 10.33 37.76
CA PRO A 324 7.75 11.23 37.97
C PRO A 324 7.80 11.74 39.41
N ILE B 6 11.87 4.52 53.17
CA ILE B 6 11.58 3.96 51.85
C ILE B 6 10.10 3.59 51.73
N ALA B 7 9.64 3.28 50.52
CA ALA B 7 8.22 3.11 50.23
C ALA B 7 7.88 2.22 49.02
N GLY B 8 6.76 1.50 49.10
CA GLY B 8 6.31 0.64 48.03
C GLY B 8 5.41 1.31 46.99
N PHE B 9 4.63 0.48 46.30
CA PHE B 9 3.85 0.92 45.13
C PHE B 9 2.79 2.00 45.41
N ILE B 10 2.28 2.05 46.64
CA ILE B 10 1.23 3.00 47.00
C ILE B 10 1.59 4.47 46.71
N GLU B 11 2.87 4.81 46.71
CA GLU B 11 3.25 6.21 46.45
C GLU B 11 4.25 6.46 45.29
N GLY B 12 4.10 5.69 44.21
CA GLY B 12 4.98 5.87 43.07
C GLY B 12 5.80 4.63 42.73
N GLY B 13 6.65 4.78 41.73
CA GLY B 13 7.43 3.66 41.23
C GLY B 13 8.91 3.88 41.45
N TRP B 14 9.67 2.81 41.33
CA TRP B 14 11.06 2.83 41.74
C TRP B 14 11.97 2.90 40.53
N GLN B 15 12.67 4.02 40.39
CA GLN B 15 13.75 4.11 39.42
C GLN B 15 14.89 3.14 39.71
N GLY B 16 14.96 2.68 40.96
CA GLY B 16 16.04 1.81 41.40
C GLY B 16 16.00 0.40 40.85
N MET B 17 14.81 -0.16 40.65
CA MET B 17 14.72 -1.50 40.08
C MET B 17 14.88 -1.37 38.57
N VAL B 18 15.52 -2.36 37.94
CA VAL B 18 15.76 -2.31 36.49
C VAL B 18 15.62 -3.68 35.83
N ASP B 19 15.88 -4.74 36.59
CA ASP B 19 15.86 -6.10 36.07
C ASP B 19 14.46 -6.66 35.77
N GLY B 20 13.44 -5.79 35.80
CA GLY B 20 12.06 -6.24 35.65
C GLY B 20 11.03 -5.14 35.90
N TRP B 21 9.76 -5.50 35.77
CA TRP B 21 8.66 -4.54 35.86
C TRP B 21 8.02 -4.51 37.26
N TYR B 22 7.90 -5.69 37.85
CA TYR B 22 7.36 -5.85 39.17
C TYR B 22 8.40 -6.47 40.09
N GLY B 23 8.58 -5.90 41.27
CA GLY B 23 9.56 -6.45 42.20
C GLY B 23 9.53 -5.93 43.62
N TYR B 24 10.55 -6.34 44.37
CA TYR B 24 10.60 -6.03 45.79
C TYR B 24 11.78 -5.14 46.11
N HIS B 25 11.74 -4.56 47.29
CA HIS B 25 12.94 -4.04 47.93
C HIS B 25 13.04 -4.64 49.33
N HIS B 26 14.21 -5.18 49.66
CA HIS B 26 14.42 -5.77 50.99
C HIS B 26 15.35 -4.94 51.87
N SER B 27 14.79 -4.42 52.97
CA SER B 27 15.57 -3.71 53.97
C SER B 27 15.73 -4.59 55.20
N ASN B 28 16.91 -5.17 55.39
CA ASN B 28 17.20 -5.93 56.62
C ASN B 28 18.55 -5.58 57.26
N GLU B 29 19.15 -6.57 57.93
CA GLU B 29 20.38 -6.37 58.70
C GLU B 29 21.65 -6.53 57.85
N GLN B 30 21.61 -7.42 56.87
CA GLN B 30 22.77 -7.63 55.99
C GLN B 30 22.81 -6.75 54.72
N GLY B 31 21.69 -6.08 54.39
CA GLY B 31 21.71 -5.14 53.27
C GLY B 31 20.41 -4.85 52.54
N SER B 32 20.39 -3.69 51.87
CA SER B 32 19.24 -3.25 51.10
C SER B 32 19.38 -3.61 49.63
N GLY B 33 18.47 -3.08 48.81
CA GLY B 33 18.52 -3.32 47.39
C GLY B 33 17.22 -3.81 46.79
N TYR B 34 17.02 -3.46 45.52
CA TYR B 34 15.84 -3.87 44.77
C TYR B 34 16.08 -5.19 44.10
N ALA B 35 15.01 -5.91 43.81
CA ALA B 35 15.10 -7.21 43.14
C ALA B 35 13.75 -7.52 42.52
N ALA B 36 13.73 -7.67 41.20
CA ALA B 36 12.49 -7.91 40.47
C ALA B 36 11.99 -9.32 40.72
N ASP B 37 10.67 -9.50 40.61
CA ASP B 37 10.08 -10.83 40.66
C ASP B 37 10.10 -11.41 39.25
N LYS B 38 11.04 -12.32 38.98
CA LYS B 38 11.19 -12.92 37.65
C LYS B 38 9.90 -13.49 37.07
N GLU B 39 9.20 -14.29 37.88
CA GLU B 39 8.01 -15.01 37.42
C GLU B 39 6.93 -14.09 36.82
N SER B 40 6.48 -13.12 37.60
CA SER B 40 5.42 -12.21 37.15
C SER B 40 5.88 -11.27 36.03
N THR B 41 7.14 -10.82 36.11
CA THR B 41 7.67 -9.94 35.07
C THR B 41 7.72 -10.62 33.71
N GLN B 42 8.38 -11.77 33.63
CA GLN B 42 8.40 -12.56 32.40
C GLN B 42 6.99 -12.86 31.90
N LYS B 43 6.09 -13.21 32.82
CA LYS B 43 4.69 -13.44 32.52
C LYS B 43 4.08 -12.22 31.83
N ALA B 44 4.58 -11.03 32.16
CA ALA B 44 4.11 -9.79 31.54
C ALA B 44 4.89 -9.43 30.27
N ILE B 45 5.84 -10.28 29.89
CA ILE B 45 6.58 -10.07 28.66
C ILE B 45 6.01 -10.97 27.60
N ASP B 46 5.87 -12.25 27.93
CA ASP B 46 5.26 -13.21 27.03
C ASP B 46 3.82 -12.81 26.69
N GLY B 47 3.21 -12.01 27.56
CA GLY B 47 1.83 -11.57 27.35
C GLY B 47 1.71 -10.36 26.43
N ILE B 48 2.38 -9.27 26.81
CA ILE B 48 2.36 -8.04 26.02
C ILE B 48 2.89 -8.29 24.60
N THR B 49 3.97 -9.05 24.48
CA THR B 49 4.52 -9.44 23.18
C THR B 49 3.46 -10.15 22.34
N ASN B 50 2.87 -11.21 22.89
CA ASN B 50 1.82 -11.94 22.19
C ASN B 50 0.66 -11.04 21.77
N LYS B 51 0.33 -10.08 22.62
CA LYS B 51 -0.67 -9.07 22.30
C LYS B 51 -0.30 -8.31 21.02
N ILE B 52 0.97 -7.93 20.89
CA ILE B 52 1.43 -7.19 19.73
C ILE B 52 1.26 -8.00 18.44
N ASN B 53 2.03 -9.07 18.34
CA ASN B 53 1.95 -9.98 17.20
C ASN B 53 0.53 -10.33 16.77
N SER B 54 -0.36 -10.51 17.75
CA SER B 54 -1.73 -10.88 17.44
C SER B 54 -2.55 -9.69 16.93
N ILE B 55 -2.10 -8.47 17.23
CA ILE B 55 -2.70 -7.28 16.64
C ILE B 55 -2.31 -7.17 15.16
N ILE B 56 -1.01 -7.34 14.90
CA ILE B 56 -0.49 -7.36 13.54
C ILE B 56 -1.19 -8.43 12.68
N ASP B 57 -1.35 -9.63 13.22
CA ASP B 57 -1.87 -10.75 12.45
C ASP B 57 -3.36 -10.65 12.10
N LYS B 58 -4.15 -10.02 12.97
CA LYS B 58 -5.56 -9.78 12.65
C LYS B 58 -5.70 -8.62 11.67
N MET B 59 -4.60 -7.88 11.47
CA MET B 59 -4.52 -6.81 10.48
C MET B 59 -3.79 -7.26 9.22
N ASN B 60 -3.16 -8.44 9.29
CA ASN B 60 -2.47 -9.04 8.16
C ASN B 60 -3.44 -9.26 6.98
N THR B 61 -4.69 -9.53 7.32
CA THR B 61 -5.77 -9.50 6.34
C THR B 61 -6.54 -8.18 6.45
N GLN B 62 -6.47 -7.37 5.40
CA GLN B 62 -7.08 -6.05 5.39
C GLN B 62 -7.18 -5.53 3.95
N PHE B 63 -8.23 -4.74 3.69
CA PHE B 63 -8.53 -4.21 2.36
C PHE B 63 -7.35 -3.51 1.68
N GLU B 64 -7.23 -3.68 0.37
CA GLU B 64 -6.17 -3.03 -0.40
C GLU B 64 -6.77 -2.17 -1.52
N ALA B 65 -6.56 -0.86 -1.45
CA ALA B 65 -7.08 0.03 -2.46
C ALA B 65 -6.33 -0.12 -3.78
N VAL B 66 -7.08 -0.14 -4.88
CA VAL B 66 -6.50 -0.22 -6.21
C VAL B 66 -7.14 0.83 -7.12
N GLY B 67 -6.31 1.50 -7.92
CA GLY B 67 -6.78 2.56 -8.79
C GLY B 67 -7.51 2.06 -10.02
N ARG B 68 -8.62 2.73 -10.35
CA ARG B 68 -9.41 2.42 -11.52
C ARG B 68 -9.75 3.72 -12.22
N GLU B 69 -9.64 3.72 -13.55
CA GLU B 69 -9.96 4.89 -14.37
C GLU B 69 -11.38 4.80 -14.88
N PHE B 70 -12.08 5.94 -14.89
CA PHE B 70 -13.41 6.01 -15.52
C PHE B 70 -13.53 7.23 -16.46
N ASN B 71 -14.32 7.11 -17.52
CA ASN B 71 -14.45 8.22 -18.44
C ASN B 71 -15.51 9.22 -18.01
N ASN B 72 -15.80 10.14 -18.92
CA ASN B 72 -16.64 11.29 -18.66
C ASN B 72 -18.10 10.92 -18.44
N LEU B 73 -18.48 9.73 -18.93
CA LEU B 73 -19.88 9.27 -18.85
C LEU B 73 -20.05 8.08 -17.90
N GLU B 74 -19.08 7.92 -17.00
CA GLU B 74 -19.12 6.90 -15.97
C GLU B 74 -18.82 7.58 -14.66
N ARG B 75 -19.55 8.65 -14.41
CA ARG B 75 -19.39 9.41 -13.19
C ARG B 75 -20.06 8.69 -12.05
N ARG B 76 -21.14 7.97 -12.34
CA ARG B 76 -21.90 7.30 -11.31
C ARG B 76 -21.08 6.16 -10.71
N ILE B 77 -20.39 5.39 -11.54
CA ILE B 77 -19.58 4.31 -11.01
C ILE B 77 -18.21 4.80 -10.51
N GLU B 78 -17.69 5.86 -11.11
CA GLU B 78 -16.49 6.49 -10.58
C GLU B 78 -16.76 6.91 -9.14
N ASN B 79 -17.95 7.47 -8.90
CA ASN B 79 -18.30 7.93 -7.56
C ASN B 79 -18.62 6.79 -6.62
N LEU B 80 -19.17 5.71 -7.17
CA LEU B 80 -19.41 4.51 -6.38
C LEU B 80 -18.07 3.91 -5.93
N ASN B 81 -17.18 3.64 -6.89
CA ASN B 81 -15.82 3.21 -6.61
C ASN B 81 -15.14 4.03 -5.53
N LYS B 82 -15.36 5.33 -5.53
CA LYS B 82 -14.64 6.22 -4.63
C LYS B 82 -15.18 6.07 -3.22
N LYS B 83 -16.50 6.09 -3.10
CA LYS B 83 -17.15 5.91 -1.82
C LYS B 83 -16.82 4.52 -1.24
N MET B 84 -16.60 3.56 -2.11
CA MET B 84 -16.31 2.20 -1.67
C MET B 84 -14.89 2.11 -1.09
N GLU B 85 -13.91 2.60 -1.84
CA GLU B 85 -12.53 2.56 -1.38
C GLU B 85 -12.26 3.46 -0.16
N ASP B 86 -12.90 4.62 -0.11
CA ASP B 86 -12.87 5.44 1.10
C ASP B 86 -13.55 4.71 2.26
N GLY B 87 -14.71 4.14 2.00
CA GLY B 87 -15.47 3.42 3.00
C GLY B 87 -14.64 2.40 3.75
N PHE B 88 -13.97 1.52 3.02
CA PHE B 88 -13.12 0.51 3.65
C PHE B 88 -11.90 1.12 4.33
N LEU B 89 -11.33 2.15 3.72
CA LEU B 89 -10.21 2.85 4.34
C LEU B 89 -10.66 3.41 5.67
N ASP B 90 -11.85 3.99 5.69
CA ASP B 90 -12.37 4.61 6.90
C ASP B 90 -12.73 3.57 7.97
N VAL B 91 -13.12 2.39 7.51
CA VAL B 91 -13.51 1.32 8.42
C VAL B 91 -12.28 0.73 9.08
N TRP B 92 -11.21 0.56 8.32
CA TRP B 92 -9.99 -0.04 8.88
C TRP B 92 -9.17 0.95 9.70
N THR B 93 -9.27 2.24 9.38
CA THR B 93 -8.65 3.26 10.23
C THR B 93 -9.36 3.29 11.59
N TYR B 94 -10.66 3.08 11.59
CA TYR B 94 -11.43 3.04 12.83
C TYR B 94 -11.05 1.79 13.63
N ASN B 95 -10.99 0.64 12.96
CA ASN B 95 -10.66 -0.61 13.62
C ASN B 95 -9.28 -0.61 14.27
N ALA B 96 -8.34 0.12 13.68
CA ALA B 96 -6.99 0.12 14.21
C ALA B 96 -6.89 1.09 15.39
N GLU B 97 -7.33 2.33 15.19
CA GLU B 97 -7.27 3.31 16.26
C GLU B 97 -8.01 2.84 17.52
N LEU B 98 -9.11 2.13 17.33
CA LEU B 98 -9.89 1.61 18.43
C LEU B 98 -9.27 0.36 19.05
N LEU B 99 -8.73 -0.53 18.23
CA LEU B 99 -8.04 -1.70 18.78
C LEU B 99 -6.88 -1.26 19.68
N VAL B 100 -6.10 -0.29 19.21
CA VAL B 100 -4.99 0.27 19.98
C VAL B 100 -5.42 0.92 21.30
N LEU B 101 -6.40 1.81 21.24
CA LEU B 101 -6.99 2.45 22.40
C LEU B 101 -7.55 1.44 23.41
N MET B 102 -8.32 0.48 22.91
CA MET B 102 -8.94 -0.51 23.79
C MET B 102 -7.92 -1.42 24.47
N GLU B 103 -6.84 -1.75 23.77
CA GLU B 103 -5.86 -2.67 24.32
C GLU B 103 -4.76 -1.94 25.08
N ASN B 104 -4.64 -0.64 24.84
CA ASN B 104 -3.79 0.18 25.70
C ASN B 104 -4.35 0.15 27.11
N GLU B 105 -5.66 0.29 27.20
CA GLU B 105 -6.31 0.30 28.48
C GLU B 105 -6.23 -1.08 29.13
N ARG B 106 -6.54 -2.14 28.37
CA ARG B 106 -6.34 -3.51 28.85
C ARG B 106 -4.87 -3.83 29.20
N THR B 107 -3.98 -2.89 28.95
CA THR B 107 -2.56 -3.11 29.22
C THR B 107 -2.18 -2.41 30.53
N LEU B 108 -2.53 -1.14 30.66
CA LEU B 108 -2.19 -0.42 31.88
C LEU B 108 -2.85 -1.06 33.15
N ASP B 109 -4.11 -1.46 33.01
CA ASP B 109 -4.82 -2.24 34.03
C ASP B 109 -4.16 -3.59 34.32
N PHE B 110 -3.60 -4.21 33.29
CA PHE B 110 -2.90 -5.48 33.44
C PHE B 110 -1.66 -5.30 34.29
N HIS B 111 -1.09 -4.10 34.23
CA HIS B 111 0.07 -3.81 35.05
C HIS B 111 -0.40 -3.49 36.47
N ASP B 112 -1.49 -2.72 36.55
CA ASP B 112 -2.02 -2.25 37.81
C ASP B 112 -2.58 -3.40 38.64
N SER B 113 -2.91 -4.51 37.97
CA SER B 113 -3.41 -5.69 38.67
C SER B 113 -2.26 -6.62 39.01
N ASN B 114 -1.32 -6.78 38.08
CA ASN B 114 -0.13 -7.60 38.35
C ASN B 114 0.64 -7.20 39.62
N VAL B 115 0.71 -5.89 39.90
CA VAL B 115 1.35 -5.36 41.12
C VAL B 115 0.58 -5.76 42.37
N LYS B 116 -0.70 -5.37 42.41
CA LYS B 116 -1.60 -5.74 43.49
C LYS B 116 -1.70 -7.25 43.75
N ASN B 117 -1.62 -8.06 42.70
CA ASN B 117 -1.62 -9.51 42.88
C ASN B 117 -0.30 -9.94 43.53
N LEU B 118 0.75 -9.16 43.29
CA LEU B 118 2.07 -9.49 43.81
C LEU B 118 2.16 -9.12 45.28
N TYR B 119 1.62 -7.94 45.60
CA TYR B 119 1.44 -7.53 46.98
C TYR B 119 0.64 -8.58 47.73
N GLU B 120 -0.49 -8.99 47.19
CA GLU B 120 -1.30 -10.03 47.81
C GLU B 120 -0.57 -11.37 47.90
N LYS B 121 0.42 -11.58 47.04
CA LYS B 121 1.12 -12.87 47.04
C LYS B 121 1.97 -13.00 48.29
N VAL B 122 2.53 -11.88 48.73
CA VAL B 122 3.36 -11.91 49.92
C VAL B 122 2.50 -11.71 51.18
N ARG B 123 1.54 -10.78 51.13
CA ARG B 123 0.61 -10.59 52.24
C ARG B 123 -0.05 -11.92 52.65
N LEU B 124 -0.32 -12.79 51.68
CA LEU B 124 -0.83 -14.11 52.01
C LEU B 124 0.26 -15.02 52.60
N GLN B 125 1.51 -14.84 52.18
CA GLN B 125 2.61 -15.67 52.66
C GLN B 125 3.02 -15.37 54.11
N LEU B 126 2.89 -14.10 54.49
CA LEU B 126 3.37 -13.64 55.77
C LEU B 126 2.29 -13.66 56.84
N ARG B 127 1.18 -12.98 56.58
CA ARG B 127 0.09 -12.86 57.55
C ARG B 127 0.63 -12.23 58.83
N ASP B 128 0.36 -12.87 59.98
CA ASP B 128 0.74 -12.29 61.29
C ASP B 128 2.23 -12.30 61.62
N ASN B 129 3.05 -12.97 60.80
CA ASN B 129 4.50 -12.89 60.97
C ASN B 129 5.07 -11.56 60.50
N ALA B 130 4.18 -10.68 60.06
CA ALA B 130 4.56 -9.34 59.63
C ALA B 130 3.39 -8.35 59.74
N LYS B 131 3.72 -7.07 59.69
CA LYS B 131 2.76 -5.98 59.83
C LYS B 131 2.79 -5.12 58.57
N GLU B 132 1.68 -5.06 57.83
CA GLU B 132 1.65 -4.28 56.58
C GLU B 132 1.58 -2.78 56.87
N LEU B 133 2.56 -2.04 56.36
CA LEU B 133 2.78 -0.65 56.76
C LEU B 133 1.86 0.40 56.14
N GLY B 134 1.01 -0.03 55.20
CA GLY B 134 0.07 0.88 54.54
C GLY B 134 0.64 1.59 53.30
N ASN B 135 1.87 1.27 52.95
CA ASN B 135 2.52 1.91 51.82
C ASN B 135 3.05 0.91 50.79
N GLY B 136 2.56 -0.32 50.87
CA GLY B 136 3.02 -1.36 49.98
C GLY B 136 4.25 -2.06 50.54
N CYS B 137 4.55 -1.79 51.82
CA CYS B 137 5.68 -2.44 52.49
C CYS B 137 5.22 -3.32 53.64
N PHE B 138 6.07 -4.27 54.01
CA PHE B 138 5.81 -5.11 55.17
C PHE B 138 6.96 -5.00 56.16
N GLU B 139 6.63 -4.91 57.45
CA GLU B 139 7.62 -4.97 58.53
C GLU B 139 7.55 -6.33 59.21
N PHE B 140 8.63 -7.10 59.08
CA PHE B 140 8.72 -8.40 59.74
C PHE B 140 8.73 -8.28 61.28
N TYR B 141 8.00 -9.18 61.93
CA TYR B 141 8.00 -9.27 63.39
C TYR B 141 9.18 -10.13 63.83
N HIS B 142 9.84 -10.76 62.86
CA HIS B 142 11.03 -11.55 63.13
C HIS B 142 12.20 -11.10 62.27
N LYS B 143 13.35 -11.73 62.46
CA LYS B 143 14.51 -11.40 61.65
C LYS B 143 14.47 -12.19 60.35
N CYS B 144 14.68 -11.47 59.25
CA CYS B 144 14.64 -12.08 57.94
C CYS B 144 15.97 -11.89 57.23
N ASP B 145 16.89 -12.81 57.51
CA ASP B 145 18.16 -12.91 56.79
C ASP B 145 17.96 -12.84 55.27
N ASN B 146 18.97 -12.34 54.56
CA ASN B 146 19.01 -12.44 53.11
C ASN B 146 18.92 -13.90 52.66
N GLU B 147 17.84 -14.57 53.05
CA GLU B 147 17.62 -15.99 52.81
C GLU B 147 16.19 -16.31 53.19
N CYS B 148 15.63 -15.45 54.04
CA CYS B 148 14.21 -15.47 54.34
C CYS B 148 13.52 -14.51 53.37
N MET B 149 14.18 -13.39 53.09
CA MET B 149 13.75 -12.48 52.04
C MET B 149 13.60 -13.21 50.71
N GLU B 150 14.67 -13.89 50.29
CA GLU B 150 14.66 -14.61 49.02
C GLU B 150 13.73 -15.81 49.09
N SER B 151 13.35 -16.18 50.30
CA SER B 151 12.35 -17.23 50.51
C SER B 151 10.96 -16.69 50.14
N VAL B 152 10.67 -15.47 50.60
CA VAL B 152 9.38 -14.82 50.35
C VAL B 152 9.15 -14.59 48.86
N LYS B 153 10.20 -14.10 48.19
CA LYS B 153 10.16 -13.71 46.79
C LYS B 153 9.75 -14.83 45.83
N ASN B 154 10.46 -15.95 45.89
CA ASN B 154 10.14 -17.10 45.03
C ASN B 154 9.00 -17.96 45.58
N GLY B 155 8.25 -17.40 46.52
CA GLY B 155 7.05 -18.05 47.04
C GLY B 155 7.28 -19.23 47.98
N THR B 156 8.52 -19.43 48.41
CA THR B 156 8.85 -20.55 49.28
C THR B 156 9.09 -20.09 50.72
N TYR B 157 8.00 -19.84 51.45
CA TYR B 157 8.11 -19.26 52.77
C TYR B 157 7.55 -20.15 53.87
N ASP B 158 8.46 -20.73 54.65
CA ASP B 158 8.06 -21.59 55.75
C ASP B 158 7.53 -20.75 56.91
N TYR B 159 6.22 -20.81 57.10
CA TYR B 159 5.55 -19.96 58.08
C TYR B 159 5.79 -20.40 59.54
N PRO B 160 5.54 -21.69 59.88
CA PRO B 160 5.72 -22.08 61.29
C PRO B 160 7.15 -21.93 61.80
N GLN B 161 8.14 -22.02 60.90
CA GLN B 161 9.55 -21.90 61.26
C GLN B 161 9.87 -20.58 61.95
N TYR B 162 9.25 -19.50 61.48
CA TYR B 162 9.46 -18.18 62.07
C TYR B 162 8.28 -17.76 62.93
N SER B 163 7.30 -18.65 63.03
CA SER B 163 6.04 -18.35 63.71
C SER B 163 6.20 -17.90 65.15
N GLU B 164 7.00 -18.64 65.90
CA GLU B 164 7.18 -18.42 67.34
C GLU B 164 7.82 -17.08 67.65
N GLU B 165 9.03 -16.86 67.12
CA GLU B 165 9.75 -15.61 67.32
C GLU B 165 8.87 -14.41 67.02
N ALA B 166 8.14 -14.53 65.90
CA ALA B 166 7.21 -13.51 65.44
C ALA B 166 6.09 -13.20 66.45
N ARG B 167 5.43 -14.25 66.94
CA ARG B 167 4.36 -14.11 67.93
C ARG B 167 4.83 -13.35 69.17
N LEU B 168 5.95 -13.78 69.76
CA LEU B 168 6.46 -13.17 70.99
C LEU B 168 6.73 -11.67 70.83
N ASN B 169 7.30 -11.28 69.69
CA ASN B 169 7.61 -9.87 69.46
C ASN B 169 6.38 -9.02 69.23
N ARG B 170 5.22 -9.68 69.07
CA ARG B 170 3.97 -8.99 68.77
C ARG B 170 3.24 -8.53 70.02
N GLU B 171 3.30 -9.36 71.07
CA GLU B 171 2.67 -9.03 72.35
C GLU B 171 3.59 -8.23 73.26
N GLU B 172 4.87 -8.17 72.92
CA GLU B 172 5.79 -7.22 73.55
C GLU B 172 5.28 -5.81 73.28
N ILE B 173 4.67 -5.64 72.10
CA ILE B 173 4.11 -4.37 71.62
C ILE B 173 2.77 -4.08 72.30
N SER B 174 2.21 -5.10 72.94
CA SER B 174 1.06 -4.91 73.85
C SER B 174 1.39 -5.41 75.26
N GLY B 175 2.65 -5.23 75.67
CA GLY B 175 3.10 -5.67 76.98
C GLY B 175 2.62 -4.77 78.10
#